data_3IJC
#
_entry.id   3IJC
#
_cell.length_a   57.803
_cell.length_b   85.337
_cell.length_c   91.231
_cell.angle_alpha   90.00
_cell.angle_beta   90.00
_cell.angle_gamma   90.00
#
_symmetry.space_group_name_H-M   'P 21 21 21'
#
loop_
_entity.id
_entity.type
_entity.pdbx_description
1 polymer 'Polycomb protein EED'
2 non-polymer 'ETHYL DIMETHYL AMMONIO PROPANE SULFONATE'
3 water water
#
_entity_poly.entity_id   1
_entity_poly.type   'polypeptide(L)'
_entity_poly.pdbx_seq_one_letter_code
;KCKYSFKCVNSLKEDHNQPLFGVQFNWHSKEGDPLVFATVGSNRVTLYECHSQGEIRLLQSYVDADADENFYTCAWTYDS
NTSHPLLAVAGSRGIIRIINPITMQCIKHYVGHGNAINELKFHPRDPNLLLSVSKDHALRLWNIQTDTLVAIFGGVEGHR
DEVLSADYDLLGEKIMSCGMDHSLKLWRINSKRMMNAIKESYDYNPNKTNRPFISQKIHFPDFSTRDIHRNYVDCVRWLG
DLILSKSCENAIVCWKPGKMEDDIDKIKPSESNVTILGRFDYSQCDIWYMRFSTDFWQKMLALGNQVGKLYVWDLEVEDP
HKAKCTTLTHHKCGAAIRQTSFSRDSSILIAVCDDASIWRWDRLR
;
_entity_poly.pdbx_strand_id   A
#
# COMPACT_ATOMS: atom_id res chain seq x y z
N TYR A 4 14.96 17.65 -8.72
CA TYR A 4 14.09 17.72 -7.51
C TYR A 4 14.95 18.08 -6.31
N SER A 5 14.46 19.02 -5.50
CA SER A 5 15.17 19.55 -4.31
C SER A 5 14.17 19.83 -3.19
N PHE A 6 14.45 19.25 -2.04
CA PHE A 6 13.58 19.31 -0.90
C PHE A 6 14.44 19.77 0.23
N LYS A 7 13.85 20.54 1.14
CA LYS A 7 14.54 21.00 2.35
C LYS A 7 13.79 20.46 3.60
N CYS A 8 14.51 19.91 4.58
CA CYS A 8 13.85 19.42 5.78
C CYS A 8 13.44 20.61 6.68
N VAL A 9 12.14 20.73 6.97
CA VAL A 9 11.60 21.93 7.63
C VAL A 9 11.07 21.69 9.03
N ASN A 10 10.93 20.45 9.42
CA ASN A 10 10.44 20.12 10.76
C ASN A 10 10.58 18.62 11.00
N SER A 11 10.49 18.22 12.26
CA SER A 11 10.44 16.82 12.65
C SER A 11 9.72 16.75 13.99
N LEU A 12 9.10 15.60 14.29
CA LEU A 12 8.60 15.35 15.65
C LEU A 12 8.63 13.87 16.03
N LYS A 13 8.31 13.57 17.28
CA LYS A 13 8.34 12.21 17.75
C LYS A 13 7.04 11.96 18.50
N GLU A 14 6.37 10.83 18.23
CA GLU A 14 5.15 10.49 18.97
C GLU A 14 5.53 9.89 20.34
N ASP A 15 4.69 10.09 21.36
CA ASP A 15 4.98 9.64 22.77
C ASP A 15 5.07 8.13 23.01
N HIS A 16 4.58 7.31 22.09
CA HIS A 16 4.56 5.88 22.38
C HIS A 16 5.92 5.18 22.21
N ASN A 17 6.87 5.86 21.55
CA ASN A 17 8.19 5.31 21.24
C ASN A 17 8.23 3.93 20.52
N GLN A 18 7.14 3.54 19.84
CA GLN A 18 7.10 2.33 19.02
C GLN A 18 7.30 2.69 17.55
N PRO A 19 7.67 1.71 16.69
CA PRO A 19 7.77 2.15 15.30
C PRO A 19 6.48 2.76 14.68
N LEU A 20 6.69 3.76 13.85
CA LEU A 20 5.64 4.23 12.93
C LEU A 20 5.85 3.44 11.64
N PHE A 21 4.96 2.49 11.41
CA PHE A 21 5.08 1.63 10.24
C PHE A 21 4.55 2.28 8.96
N GLY A 22 3.58 3.17 9.09
CA GLY A 22 2.85 3.63 7.90
C GLY A 22 2.58 5.13 7.99
N VAL A 23 2.52 5.77 6.81
CA VAL A 23 2.07 7.16 6.62
C VAL A 23 1.34 7.33 5.23
N GLN A 24 0.26 8.11 5.21
CA GLN A 24 -0.53 8.36 3.99
C GLN A 24 -1.12 9.78 4.06
N PHE A 25 -0.73 10.63 3.11
CA PHE A 25 -1.48 11.86 2.90
C PHE A 25 -2.87 11.49 2.37
N ASN A 26 -3.89 12.25 2.78
CA ASN A 26 -5.18 12.10 2.15
C ASN A 26 -5.24 12.78 0.73
N TRP A 27 -5.33 11.98 -0.34
CA TRP A 27 -5.54 12.59 -1.69
C TRP A 27 -7.02 12.68 -2.09
N HIS A 28 -7.89 12.08 -1.26
CA HIS A 28 -9.32 11.89 -1.59
C HIS A 28 -10.11 13.00 -0.94
N SER A 29 -9.79 14.25 -1.30
CA SER A 29 -10.58 15.45 -0.87
C SER A 29 -9.73 16.59 -0.28
N LYS A 30 -8.64 16.26 0.43
CA LYS A 30 -7.79 17.24 1.19
C LYS A 30 -6.53 17.67 0.42
N LEU A 35 -3.63 20.38 3.88
CA LEU A 35 -2.92 19.12 3.60
C LEU A 35 -2.83 18.19 4.86
N VAL A 36 -3.57 17.08 4.85
CA VAL A 36 -3.70 16.18 6.01
C VAL A 36 -3.05 14.82 5.74
N PHE A 37 -2.28 14.33 6.70
CA PHE A 37 -1.72 12.99 6.65
C PHE A 37 -2.00 12.15 7.92
N ALA A 38 -2.09 10.81 7.73
CA ALA A 38 -2.22 9.87 8.84
C ALA A 38 -0.89 9.15 9.13
N THR A 39 -0.61 8.88 10.39
CA THR A 39 0.52 7.99 10.74
C THR A 39 -0.06 6.81 11.49
N VAL A 40 0.57 5.64 11.38
CA VAL A 40 0.08 4.43 12.04
C VAL A 40 1.26 3.78 12.77
N GLY A 41 1.08 3.50 14.05
CA GLY A 41 2.09 2.87 14.85
C GLY A 41 1.49 2.59 16.20
N SER A 42 2.14 1.71 16.96
CA SER A 42 1.60 1.23 18.23
C SER A 42 0.19 0.71 17.96
N ASN A 43 -0.76 0.95 18.86
CA ASN A 43 -2.17 0.67 18.59
C ASN A 43 -2.99 1.89 18.20
N ARG A 44 -2.38 2.83 17.48
CA ARG A 44 -3.09 4.05 17.12
C ARG A 44 -2.92 4.50 15.68
N VAL A 45 -3.80 5.39 15.26
CA VAL A 45 -3.64 6.14 14.04
C VAL A 45 -3.83 7.61 14.39
N THR A 46 -2.94 8.44 13.88
CA THR A 46 -2.90 9.89 14.19
C THR A 46 -2.97 10.79 12.93
N LEU A 47 -3.83 11.79 13.02
CA LEU A 47 -3.98 12.78 11.95
C LEU A 47 -3.23 14.08 12.30
N TYR A 48 -2.49 14.60 11.32
CA TYR A 48 -1.77 15.90 11.37
C TYR A 48 -2.15 16.75 10.16
N GLU A 49 -2.04 18.06 10.33
CA GLU A 49 -2.32 18.94 9.21
C GLU A 49 -1.08 19.81 8.95
N CYS A 50 -0.60 19.82 7.70
CA CYS A 50 0.55 20.71 7.33
C CYS A 50 0.20 22.22 7.15
N HIS A 51 0.99 23.05 7.81
CA HIS A 51 0.89 24.51 7.71
C HIS A 51 2.22 25.16 7.36
N SER A 52 2.21 26.49 7.13
CA SER A 52 3.46 27.19 6.72
C SER A 52 4.52 27.19 7.81
N GLN A 53 5.73 27.64 7.47
CA GLN A 53 6.91 27.61 8.35
C GLN A 53 7.14 26.22 9.00
N GLY A 54 6.86 25.21 8.17
CA GLY A 54 6.99 23.80 8.49
C GLY A 54 6.13 23.25 9.61
N GLU A 55 5.12 23.99 10.07
CA GLU A 55 4.26 23.51 11.16
C GLU A 55 3.51 22.23 10.77
N ILE A 56 3.64 21.23 11.64
CA ILE A 56 2.81 20.02 11.64
C ILE A 56 1.88 20.06 12.86
N ARG A 57 0.61 20.42 12.64
CA ARG A 57 -0.42 20.58 13.66
C ARG A 57 -1.12 19.25 14.00
N LEU A 58 -0.97 18.81 15.27
CA LEU A 58 -1.61 17.59 15.78
C LEU A 58 -3.09 17.78 15.86
N LEU A 59 -3.85 16.87 15.25
CA LEU A 59 -5.30 16.87 15.32
C LEU A 59 -5.81 15.89 16.39
N GLN A 60 -6.05 14.63 16.00
CA GLN A 60 -6.74 13.71 16.87
C GLN A 60 -6.30 12.29 16.47
N SER A 61 -6.28 11.38 17.45
CA SER A 61 -5.99 9.94 17.22
C SER A 61 -7.20 9.04 17.43
N TYR A 62 -7.18 7.92 16.75
CA TYR A 62 -7.94 6.73 17.16
C TYR A 62 -6.98 5.76 17.88
N VAL A 63 -7.36 5.36 19.10
CA VAL A 63 -6.59 4.40 19.91
C VAL A 63 -7.43 3.13 20.07
N ASP A 64 -6.92 2.00 19.59
CA ASP A 64 -7.68 0.75 19.74
C ASP A 64 -7.92 0.30 21.21
N ALA A 65 -9.10 -0.22 21.53
CA ALA A 65 -9.38 -0.76 22.90
C ALA A 65 -8.41 -1.86 23.33
N ASP A 66 -7.92 -2.64 22.37
CA ASP A 66 -6.90 -3.63 22.66
C ASP A 66 -5.54 -2.94 22.68
N ALA A 67 -4.92 -2.84 23.86
CA ALA A 67 -3.54 -2.35 24.01
C ALA A 67 -2.50 -3.22 23.31
N ASP A 68 -2.88 -4.44 22.94
CA ASP A 68 -1.97 -5.36 22.20
C ASP A 68 -2.07 -5.30 20.67
N GLU A 69 -3.07 -4.61 20.13
CA GLU A 69 -3.16 -4.33 18.69
C GLU A 69 -1.92 -3.54 18.23
N ASN A 70 -1.47 -3.81 17.03
CA ASN A 70 -0.39 -3.05 16.41
C ASN A 70 -0.78 -2.79 14.97
N PHE A 71 -1.11 -1.53 14.69
CA PHE A 71 -1.51 -1.12 13.33
C PHE A 71 -0.28 -1.01 12.49
N TYR A 72 -0.38 -1.56 11.28
CA TYR A 72 0.71 -1.61 10.31
C TYR A 72 0.52 -0.68 9.10
N THR A 73 -0.73 -0.40 8.77
CA THR A 73 -1.04 0.30 7.52
C THR A 73 -2.39 1.02 7.55
N CYS A 74 -2.58 1.99 6.65
CA CYS A 74 -3.87 2.63 6.50
C CYS A 74 -4.04 3.03 5.04
N ALA A 75 -5.26 3.41 4.69
CA ALA A 75 -5.60 3.76 3.28
C ALA A 75 -6.84 4.63 3.29
N TRP A 76 -6.81 5.67 2.46
CA TRP A 76 -7.94 6.61 2.35
C TRP A 76 -8.89 6.27 1.20
N THR A 77 -10.15 6.69 1.39
CA THR A 77 -11.19 6.57 0.39
C THR A 77 -12.28 7.62 0.68
N TYR A 78 -13.37 7.59 -0.11
CA TYR A 78 -14.58 8.37 0.14
C TYR A 78 -15.66 7.51 0.70
N ASP A 79 -16.47 8.09 1.59
CA ASP A 79 -17.72 7.43 2.00
C ASP A 79 -18.70 7.69 0.87
N SER A 80 -19.24 6.61 0.27
CA SER A 80 -20.26 6.76 -0.77
C SER A 80 -21.64 7.21 -0.20
N ASN A 81 -21.91 6.87 1.08
CA ASN A 81 -23.12 7.31 1.83
C ASN A 81 -23.08 8.75 2.36
N THR A 82 -21.91 9.20 2.80
CA THR A 82 -21.81 10.56 3.38
C THR A 82 -20.98 11.54 2.57
N SER A 83 -20.46 11.13 1.41
CA SER A 83 -19.45 11.89 0.59
C SER A 83 -18.09 12.31 1.25
N HIS A 84 -17.96 12.09 2.54
CA HIS A 84 -16.77 12.49 3.28
C HIS A 84 -15.57 11.52 3.12
N PRO A 85 -14.33 11.98 3.37
CA PRO A 85 -13.20 11.04 3.34
C PRO A 85 -13.32 10.02 4.49
N LEU A 86 -12.84 8.80 4.28
CA LEU A 86 -12.81 7.75 5.29
C LEU A 86 -11.37 7.20 5.36
N LEU A 87 -11.04 6.56 6.48
CA LEU A 87 -9.71 5.97 6.64
C LEU A 87 -9.83 4.56 7.09
N ALA A 88 -9.28 3.62 6.32
CA ALA A 88 -9.23 2.23 6.69
C ALA A 88 -7.89 1.94 7.39
N VAL A 89 -7.91 1.28 8.56
CA VAL A 89 -6.65 0.91 9.28
C VAL A 89 -6.68 -0.59 9.62
N ALA A 90 -5.53 -1.24 9.60
CA ALA A 90 -5.45 -2.63 10.06
C ALA A 90 -4.00 -2.96 10.47
N GLY A 91 -3.84 -4.04 11.20
CA GLY A 91 -2.50 -4.54 11.61
C GLY A 91 -2.52 -5.96 12.19
N SER A 92 -1.86 -6.16 13.34
CA SER A 92 -1.59 -7.52 13.90
C SER A 92 -2.84 -8.37 14.17
N ARG A 93 -3.91 -7.75 14.70
CA ARG A 93 -5.14 -8.49 15.02
C ARG A 93 -5.93 -8.96 13.78
N GLY A 94 -5.55 -8.45 12.58
CA GLY A 94 -6.24 -8.83 11.35
C GLY A 94 -7.69 -8.32 11.33
N ILE A 95 -7.92 -7.16 11.93
CA ILE A 95 -9.22 -6.49 11.89
C ILE A 95 -9.07 -5.16 11.14
N ILE A 96 -9.92 -4.97 10.13
CA ILE A 96 -10.01 -3.71 9.38
C ILE A 96 -10.96 -2.75 10.13
N ARG A 97 -10.44 -1.59 10.53
CA ARG A 97 -11.26 -0.56 11.15
C ARG A 97 -11.57 0.50 10.09
N ILE A 98 -12.85 0.86 9.94
CA ILE A 98 -13.24 2.01 9.09
C ILE A 98 -13.49 3.18 10.02
N ILE A 99 -12.63 4.19 9.89
CA ILE A 99 -12.57 5.36 10.80
C ILE A 99 -13.04 6.62 10.06
N ASN A 100 -13.99 7.32 10.66
CA ASN A 100 -14.37 8.66 10.27
C ASN A 100 -13.24 9.61 10.70
N PRO A 101 -12.49 10.20 9.75
CA PRO A 101 -11.33 11.05 10.13
C PRO A 101 -11.66 12.39 10.79
N ILE A 102 -12.88 12.87 10.62
CA ILE A 102 -13.33 14.07 11.31
C ILE A 102 -13.35 13.88 12.84
N THR A 103 -14.10 12.87 13.30
CA THR A 103 -14.29 12.60 14.71
C THR A 103 -13.35 11.51 15.25
N MET A 104 -12.62 10.83 14.36
CA MET A 104 -11.88 9.61 14.71
C MET A 104 -12.75 8.47 15.31
N GLN A 105 -14.06 8.52 15.07
CA GLN A 105 -14.97 7.42 15.44
C GLN A 105 -14.76 6.23 14.51
N CYS A 106 -14.83 5.03 15.09
CA CYS A 106 -14.77 3.81 14.29
C CYS A 106 -16.20 3.51 13.84
N ILE A 107 -16.41 3.51 12.53
CA ILE A 107 -17.78 3.41 12.05
C ILE A 107 -18.21 1.97 11.88
N LYS A 108 -17.27 1.10 11.51
CA LYS A 108 -17.49 -0.35 11.29
C LYS A 108 -16.17 -1.10 11.12
N HIS A 109 -16.22 -2.44 11.19
CA HIS A 109 -15.02 -3.23 11.07
C HIS A 109 -15.27 -4.51 10.29
N TYR A 110 -14.20 -5.08 9.76
CA TYR A 110 -14.26 -6.34 9.05
C TYR A 110 -13.26 -7.33 9.60
N VAL A 111 -13.70 -8.57 9.78
CA VAL A 111 -12.85 -9.64 10.27
C VAL A 111 -12.85 -10.70 9.18
N GLY A 112 -11.64 -11.14 8.83
CA GLY A 112 -11.39 -12.17 7.83
C GLY A 112 -11.42 -13.46 8.60
N HIS A 113 -10.29 -14.18 8.62
CA HIS A 113 -10.03 -15.18 9.69
C HIS A 113 -9.30 -14.65 10.96
N GLY A 114 -8.89 -13.38 10.95
CA GLY A 114 -8.30 -12.77 12.16
C GLY A 114 -6.78 -12.89 12.30
N ASN A 115 -6.09 -13.01 11.16
CA ASN A 115 -4.61 -13.15 11.05
C ASN A 115 -4.02 -11.86 10.45
N ALA A 116 -2.77 -11.52 10.78
CA ALA A 116 -2.27 -10.14 10.60
C ALA A 116 -2.49 -9.61 9.19
N ILE A 117 -2.91 -8.35 9.09
CA ILE A 117 -3.06 -7.69 7.76
C ILE A 117 -1.84 -6.79 7.51
N ASN A 118 -1.12 -7.10 6.46
CA ASN A 118 0.13 -6.39 6.09
C ASN A 118 -0.03 -5.17 5.15
N GLU A 119 -1.11 -5.12 4.37
CA GLU A 119 -1.40 -4.03 3.45
C GLU A 119 -2.90 -3.87 3.17
N LEU A 120 -3.31 -2.61 3.00
CA LEU A 120 -4.61 -2.19 2.46
C LEU A 120 -4.47 -1.29 1.23
N LYS A 121 -5.31 -1.52 0.23
CA LYS A 121 -5.39 -0.62 -0.91
C LYS A 121 -6.82 -0.46 -1.43
N PHE A 122 -7.19 0.77 -1.77
CA PHE A 122 -8.51 1.01 -2.39
C PHE A 122 -8.38 1.05 -3.89
N HIS A 123 -9.38 0.50 -4.58
CA HIS A 123 -9.51 0.45 -6.05
C HIS A 123 -9.42 1.91 -6.59
N PRO A 124 -8.70 2.11 -7.73
CA PRO A 124 -8.49 3.46 -8.24
C PRO A 124 -9.75 4.11 -8.81
N ARG A 125 -10.76 3.32 -9.19
CA ARG A 125 -12.01 3.86 -9.76
C ARG A 125 -13.23 3.70 -8.88
N ASP A 126 -13.19 2.73 -7.98
CA ASP A 126 -14.34 2.46 -7.14
C ASP A 126 -13.91 2.57 -5.70
N PRO A 127 -14.27 3.65 -5.04
CA PRO A 127 -13.86 3.94 -3.66
C PRO A 127 -14.39 2.94 -2.60
N ASN A 128 -15.37 2.09 -2.96
CA ASN A 128 -15.90 1.04 -2.04
C ASN A 128 -15.09 -0.27 -2.03
N LEU A 129 -14.18 -0.46 -2.97
CA LEU A 129 -13.53 -1.78 -3.14
C LEU A 129 -12.14 -1.76 -2.48
N LEU A 130 -12.10 -2.42 -1.33
CA LEU A 130 -10.90 -2.46 -0.49
C LEU A 130 -10.25 -3.83 -0.57
N LEU A 131 -8.96 -3.81 -0.91
CA LEU A 131 -8.10 -5.00 -0.95
C LEU A 131 -7.24 -5.07 0.32
N SER A 132 -7.26 -6.22 1.00
CA SER A 132 -6.40 -6.45 2.17
C SER A 132 -5.49 -7.66 1.83
N VAL A 133 -4.24 -7.61 2.30
CA VAL A 133 -3.32 -8.74 2.11
C VAL A 133 -2.85 -9.27 3.47
N SER A 134 -2.76 -10.59 3.64
CA SER A 134 -2.63 -11.15 5.00
C SER A 134 -1.48 -12.13 5.22
N LYS A 135 -1.03 -12.14 6.48
CA LYS A 135 -0.11 -13.12 7.00
C LYS A 135 -0.61 -14.58 6.80
N ASP A 136 -1.92 -14.74 6.60
CA ASP A 136 -2.52 -16.09 6.36
C ASP A 136 -2.45 -16.60 4.91
N HIS A 137 -1.66 -15.93 4.07
CA HIS A 137 -1.34 -16.34 2.67
C HIS A 137 -2.37 -15.88 1.63
N ALA A 138 -3.43 -15.24 2.10
CA ALA A 138 -4.53 -14.81 1.21
C ALA A 138 -4.65 -13.28 0.98
N LEU A 139 -5.18 -12.87 -0.20
CA LEU A 139 -5.73 -11.52 -0.38
C LEU A 139 -7.25 -11.60 -0.26
N ARG A 140 -7.88 -10.55 0.25
CA ARG A 140 -9.35 -10.48 0.26
C ARG A 140 -9.83 -9.15 -0.33
N LEU A 141 -10.88 -9.20 -1.16
CA LEU A 141 -11.48 -8.00 -1.70
C LEU A 141 -12.85 -7.77 -1.03
N TRP A 142 -13.02 -6.59 -0.45
CA TRP A 142 -14.23 -6.23 0.28
C TRP A 142 -14.99 -5.07 -0.43
N ASN A 143 -16.33 -5.11 -0.32
CA ASN A 143 -17.16 -4.04 -0.74
C ASN A 143 -17.68 -3.37 0.51
N ILE A 144 -17.19 -2.16 0.77
CA ILE A 144 -17.44 -1.48 2.04
C ILE A 144 -18.72 -0.63 1.98
N GLN A 145 -19.41 -0.61 0.83
CA GLN A 145 -20.78 -0.08 0.77
C GLN A 145 -21.79 -1.10 1.31
N THR A 146 -21.71 -2.34 0.82
CA THR A 146 -22.65 -3.38 1.25
C THR A 146 -22.09 -4.30 2.34
N ASP A 147 -20.85 -4.06 2.78
CA ASP A 147 -20.19 -4.86 3.86
C ASP A 147 -20.08 -6.35 3.52
N THR A 148 -19.61 -6.62 2.31
CA THR A 148 -19.53 -7.97 1.73
C THR A 148 -18.06 -8.31 1.41
N LEU A 149 -17.67 -9.55 1.75
CA LEU A 149 -16.45 -10.17 1.21
C LEU A 149 -16.72 -10.58 -0.24
N VAL A 150 -16.13 -9.87 -1.21
CA VAL A 150 -16.37 -10.21 -2.62
C VAL A 150 -15.57 -11.44 -3.11
N ALA A 151 -14.27 -11.51 -2.75
CA ALA A 151 -13.42 -12.59 -3.19
C ALA A 151 -12.24 -12.79 -2.21
N ILE A 152 -11.74 -14.04 -2.16
CA ILE A 152 -10.54 -14.49 -1.47
C ILE A 152 -9.59 -15.00 -2.56
N PHE A 153 -8.40 -14.41 -2.62
CA PHE A 153 -7.39 -14.83 -3.57
C PHE A 153 -6.33 -15.65 -2.85
N GLY A 154 -6.29 -16.95 -3.10
CA GLY A 154 -5.50 -17.86 -2.25
C GLY A 154 -5.87 -19.30 -2.53
N GLY A 155 -5.01 -20.22 -2.10
CA GLY A 155 -5.41 -21.62 -2.10
C GLY A 155 -4.48 -22.40 -2.99
N VAL A 156 -5.06 -23.13 -3.94
CA VAL A 156 -4.28 -24.11 -4.75
C VAL A 156 -3.00 -23.53 -5.32
N GLU A 157 -3.06 -22.44 -6.06
CA GLU A 157 -1.78 -21.84 -6.54
C GLU A 157 -1.55 -20.36 -6.11
N GLY A 158 -1.99 -20.03 -4.89
CA GLY A 158 -1.76 -18.71 -4.32
C GLY A 158 -0.47 -18.69 -3.55
N HIS A 159 -0.26 -17.62 -2.78
CA HIS A 159 0.94 -17.52 -1.99
C HIS A 159 1.06 -18.68 -0.98
N ARG A 160 2.30 -19.14 -0.78
CA ARG A 160 2.64 -20.22 0.18
C ARG A 160 3.21 -19.73 1.48
N ASP A 161 3.22 -18.41 1.68
CA ASP A 161 3.69 -17.80 2.93
C ASP A 161 3.02 -16.40 3.03
N GLU A 162 3.32 -15.61 4.06
CA GLU A 162 2.68 -14.27 4.25
C GLU A 162 2.65 -13.45 2.96
N VAL A 163 1.49 -12.85 2.65
CA VAL A 163 1.44 -11.81 1.60
C VAL A 163 1.85 -10.47 2.28
N LEU A 164 2.81 -9.76 1.70
CA LEU A 164 3.31 -8.48 2.27
C LEU A 164 2.80 -7.21 1.59
N SER A 165 2.52 -7.33 0.31
CA SER A 165 2.12 -6.18 -0.48
C SER A 165 1.22 -6.54 -1.64
N ALA A 166 0.53 -5.53 -2.16
CA ALA A 166 -0.23 -5.67 -3.40
C ALA A 166 -0.56 -4.32 -4.00
N ASP A 167 -0.90 -4.30 -5.28
CA ASP A 167 -1.28 -3.07 -5.93
C ASP A 167 -2.23 -3.32 -7.11
N TYR A 168 -3.25 -2.45 -7.21
CA TYR A 168 -4.10 -2.38 -8.39
C TYR A 168 -3.36 -1.69 -9.54
N ASP A 169 -3.58 -2.13 -10.80
CA ASP A 169 -3.13 -1.29 -11.94
C ASP A 169 -3.99 -0.02 -12.07
N LEU A 170 -3.68 0.79 -13.08
CA LEU A 170 -4.28 2.11 -13.27
C LEU A 170 -5.79 2.05 -13.32
N LEU A 171 -6.28 1.08 -14.09
CA LEU A 171 -7.72 0.97 -14.30
C LEU A 171 -8.44 0.15 -13.24
N GLY A 172 -7.69 -0.54 -12.37
CA GLY A 172 -8.28 -1.53 -11.45
C GLY A 172 -8.83 -2.80 -12.13
N GLU A 173 -8.20 -3.20 -13.24
CA GLU A 173 -8.54 -4.42 -13.93
C GLU A 173 -7.78 -5.64 -13.40
N LYS A 174 -6.65 -5.39 -12.73
CA LYS A 174 -5.77 -6.45 -12.23
C LYS A 174 -4.97 -6.01 -11.01
N ILE A 175 -4.55 -7.01 -10.23
CA ILE A 175 -3.80 -6.83 -9.00
C ILE A 175 -2.51 -7.61 -9.12
N MET A 176 -1.38 -6.99 -8.79
CA MET A 176 -0.17 -7.77 -8.55
C MET A 176 0.06 -7.83 -7.04
N SER A 177 0.33 -9.04 -6.55
CA SER A 177 0.67 -9.26 -5.14
C SER A 177 2.07 -9.86 -4.98
N CYS A 178 2.64 -9.80 -3.78
CA CYS A 178 3.97 -10.33 -3.51
C CYS A 178 4.18 -10.69 -2.05
N GLY A 179 5.17 -11.53 -1.78
CA GLY A 179 5.27 -12.00 -0.40
C GLY A 179 6.55 -12.65 0.04
N MET A 180 6.44 -13.33 1.18
CA MET A 180 7.54 -14.03 1.84
C MET A 180 7.96 -15.28 1.10
N ASP A 181 7.09 -15.81 0.24
CA ASP A 181 7.46 -16.91 -0.65
C ASP A 181 8.36 -16.49 -1.84
N HIS A 182 8.84 -15.24 -1.84
CA HIS A 182 9.69 -14.66 -2.93
C HIS A 182 8.93 -14.47 -4.25
N SER A 183 7.64 -14.79 -4.31
CA SER A 183 6.90 -14.66 -5.56
C SER A 183 6.03 -13.37 -5.73
N LEU A 184 5.88 -13.01 -7.01
CA LEU A 184 4.93 -11.99 -7.48
C LEU A 184 3.84 -12.68 -8.32
N LYS A 185 2.56 -12.40 -8.00
CA LYS A 185 1.44 -13.02 -8.64
C LYS A 185 0.41 -12.01 -9.12
N LEU A 186 -0.07 -12.24 -10.35
CA LEU A 186 -1.09 -11.42 -11.01
C LEU A 186 -2.47 -12.04 -10.79
N TRP A 187 -3.44 -11.21 -10.46
CA TRP A 187 -4.82 -11.66 -10.39
C TRP A 187 -5.71 -10.69 -11.13
N ARG A 188 -6.28 -11.14 -12.26
CA ARG A 188 -7.16 -10.31 -13.09
C ARG A 188 -8.57 -10.23 -12.49
N ILE A 189 -9.12 -9.00 -12.36
CA ILE A 189 -10.45 -8.81 -11.73
C ILE A 189 -11.47 -8.25 -12.73
N ASN A 190 -11.07 -8.21 -13.99
CA ASN A 190 -11.98 -7.90 -15.09
C ASN A 190 -12.42 -9.14 -15.85
N SER A 191 -12.23 -10.33 -15.28
CA SER A 191 -12.89 -11.55 -15.82
C SER A 191 -14.42 -11.42 -15.70
N LYS A 192 -15.18 -12.17 -16.52
CA LYS A 192 -16.66 -12.17 -16.38
C LYS A 192 -17.07 -12.56 -14.97
N ARG A 193 -16.38 -13.57 -14.45
CA ARG A 193 -16.58 -14.11 -13.10
C ARG A 193 -16.45 -12.97 -12.05
N MET A 194 -15.29 -12.29 -12.01
CA MET A 194 -15.07 -11.14 -11.10
C MET A 194 -15.98 -9.89 -11.32
N MET A 195 -16.22 -9.47 -12.57
CA MET A 195 -17.14 -8.34 -12.81
C MET A 195 -18.55 -8.70 -12.32
N ASN A 196 -18.92 -9.97 -12.49
CA ASN A 196 -20.24 -10.39 -12.09
C ASN A 196 -20.34 -10.41 -10.56
N ALA A 197 -19.27 -10.86 -9.89
CA ALA A 197 -19.23 -11.00 -8.42
C ALA A 197 -19.26 -9.61 -7.76
N ILE A 198 -18.58 -8.63 -8.37
CA ILE A 198 -18.62 -7.22 -7.89
C ILE A 198 -20.04 -6.67 -8.02
N LYS A 199 -20.66 -6.93 -9.17
CA LYS A 199 -22.04 -6.49 -9.42
C LYS A 199 -23.00 -7.10 -8.38
N GLU A 200 -22.85 -8.40 -8.08
CA GLU A 200 -23.69 -9.06 -7.05
C GLU A 200 -23.48 -8.48 -5.64
N SER A 201 -22.23 -8.13 -5.33
CA SER A 201 -21.91 -7.51 -4.02
C SER A 201 -22.70 -6.22 -3.82
N TYR A 202 -22.88 -5.46 -4.90
CA TYR A 202 -23.71 -4.22 -4.89
C TYR A 202 -25.22 -4.48 -4.79
N ASP A 203 -25.65 -5.65 -5.27
CA ASP A 203 -27.06 -6.04 -5.24
C ASP A 203 -27.44 -6.70 -3.90
N TYR A 204 -26.47 -6.88 -3.00
CA TYR A 204 -26.69 -7.66 -1.79
C TYR A 204 -27.13 -6.77 -0.65
N ASN A 205 -28.33 -7.03 -0.11
CA ASN A 205 -28.80 -6.36 1.10
C ASN A 205 -29.35 -7.40 2.06
N PRO A 206 -28.62 -7.71 3.16
CA PRO A 206 -29.00 -8.80 4.04
C PRO A 206 -30.40 -8.63 4.64
N ASN A 207 -30.88 -7.38 4.71
CA ASN A 207 -32.25 -7.13 5.17
C ASN A 207 -33.36 -7.59 4.21
N LYS A 208 -33.04 -7.73 2.94
CA LYS A 208 -34.00 -8.05 1.87
C LYS A 208 -33.95 -9.51 1.38
N THR A 209 -33.11 -10.34 2.02
CA THR A 209 -32.88 -11.71 1.52
C THR A 209 -32.58 -12.70 2.62
N ASN A 210 -32.69 -14.00 2.31
CA ASN A 210 -32.34 -15.06 3.25
C ASN A 210 -30.93 -15.63 3.05
N ARG A 211 -30.36 -15.38 1.88
CA ARG A 211 -29.01 -15.93 1.60
C ARG A 211 -27.88 -15.14 2.34
N PRO A 212 -26.76 -15.83 2.64
CA PRO A 212 -25.49 -15.17 2.92
C PRO A 212 -24.91 -14.70 1.58
N PHE A 213 -23.93 -13.79 1.61
CA PHE A 213 -23.33 -13.39 0.35
C PHE A 213 -22.26 -14.41 0.05
N ILE A 214 -22.23 -14.97 -1.16
CA ILE A 214 -21.28 -16.01 -1.40
C ILE A 214 -20.01 -15.38 -2.01
N SER A 215 -18.86 -15.57 -1.37
CA SER A 215 -17.57 -15.03 -1.86
C SER A 215 -17.02 -15.90 -2.99
N GLN A 216 -16.26 -15.31 -3.91
CA GLN A 216 -15.47 -16.09 -4.90
C GLN A 216 -14.21 -16.62 -4.24
N LYS A 217 -13.92 -17.91 -4.44
CA LYS A 217 -12.63 -18.45 -4.02
C LYS A 217 -11.79 -18.59 -5.29
N ILE A 218 -10.82 -17.69 -5.44
CA ILE A 218 -9.95 -17.67 -6.62
C ILE A 218 -8.63 -18.37 -6.23
N HIS A 219 -8.46 -19.60 -6.72
CA HIS A 219 -7.32 -20.45 -6.35
C HIS A 219 -6.12 -20.33 -7.30
N PHE A 220 -6.31 -19.68 -8.44
CA PHE A 220 -5.31 -19.69 -9.54
C PHE A 220 -5.00 -18.28 -10.05
N PRO A 221 -3.76 -17.82 -9.83
CA PRO A 221 -3.34 -16.54 -10.35
C PRO A 221 -3.16 -16.58 -11.87
N ASP A 222 -3.23 -15.42 -12.51
CA ASP A 222 -3.14 -15.30 -14.00
C ASP A 222 -1.70 -15.17 -14.55
N PHE A 223 -0.73 -15.18 -13.63
CA PHE A 223 0.71 -15.14 -13.93
C PHE A 223 1.36 -15.25 -12.57
N SER A 224 2.55 -15.87 -12.53
CA SER A 224 3.33 -15.94 -11.31
C SER A 224 4.82 -15.99 -11.64
N THR A 225 5.66 -15.34 -10.82
CA THR A 225 7.13 -15.52 -10.97
C THR A 225 7.85 -15.51 -9.62
N ARG A 226 8.94 -16.29 -9.52
CA ARG A 226 9.91 -16.20 -8.44
C ARG A 226 11.33 -15.77 -8.91
N ASP A 227 11.40 -15.24 -10.13
CA ASP A 227 12.66 -14.99 -10.84
C ASP A 227 13.11 -13.54 -10.79
N ILE A 228 12.52 -12.76 -9.89
CA ILE A 228 12.83 -11.32 -9.80
C ILE A 228 13.75 -11.13 -8.61
N HIS A 229 13.32 -11.57 -7.43
CA HIS A 229 14.11 -11.39 -6.20
C HIS A 229 14.60 -12.75 -5.63
N ARG A 230 15.56 -12.73 -4.71
CA ARG A 230 16.01 -13.98 -4.08
C ARG A 230 15.63 -14.05 -2.60
N ASN A 231 14.68 -13.22 -2.20
CA ASN A 231 14.19 -13.19 -0.83
C ASN A 231 12.79 -12.61 -0.78
N TYR A 232 12.26 -12.41 0.44
CA TYR A 232 10.90 -11.80 0.66
C TYR A 232 10.65 -10.61 -0.23
N VAL A 233 9.49 -10.54 -0.86
CA VAL A 233 9.24 -9.40 -1.70
C VAL A 233 8.27 -8.56 -0.87
N ASP A 234 8.72 -7.39 -0.38
CA ASP A 234 7.95 -6.61 0.61
C ASP A 234 7.25 -5.32 0.12
N CYS A 235 7.32 -5.04 -1.19
CA CYS A 235 6.64 -3.85 -1.74
C CYS A 235 6.52 -3.98 -3.23
N VAL A 236 5.33 -3.66 -3.77
CA VAL A 236 5.09 -3.76 -5.23
C VAL A 236 4.19 -2.61 -5.69
N ARG A 237 4.40 -2.19 -6.96
CA ARG A 237 3.63 -1.13 -7.60
C ARG A 237 3.56 -1.34 -9.10
N TRP A 238 2.43 -1.02 -9.67
CA TRP A 238 2.39 -0.90 -11.11
C TRP A 238 2.99 0.44 -11.55
N LEU A 239 3.70 0.44 -12.67
CA LEU A 239 4.09 1.69 -13.37
C LEU A 239 3.57 1.55 -14.81
N GLY A 240 2.32 1.91 -15.03
CA GLY A 240 1.68 1.56 -16.30
C GLY A 240 1.50 0.04 -16.46
N ASP A 241 2.07 -0.54 -17.50
CA ASP A 241 2.07 -2.00 -17.67
C ASP A 241 3.36 -2.68 -17.09
N LEU A 242 4.30 -1.89 -16.58
CA LEU A 242 5.51 -2.42 -15.95
C LEU A 242 5.27 -2.57 -14.46
N ILE A 243 6.18 -3.30 -13.81
CA ILE A 243 6.13 -3.49 -12.35
C ILE A 243 7.38 -2.91 -11.67
N LEU A 244 7.19 -2.22 -10.56
CA LEU A 244 8.27 -1.97 -9.64
C LEU A 244 8.12 -2.80 -8.37
N SER A 245 9.16 -3.55 -8.01
CA SER A 245 9.12 -4.31 -6.78
C SER A 245 10.46 -4.35 -6.07
N LYS A 246 10.42 -4.63 -4.78
CA LYS A 246 11.64 -4.76 -4.00
C LYS A 246 11.62 -5.94 -3.02
N SER A 247 12.83 -6.35 -2.68
CA SER A 247 13.12 -7.27 -1.57
C SER A 247 14.04 -6.55 -0.56
N CYS A 248 14.74 -7.30 0.30
CA CYS A 248 15.78 -6.73 1.20
C CYS A 248 17.19 -6.82 0.62
N GLU A 249 17.34 -6.81 -0.69
CA GLU A 249 18.66 -6.91 -1.31
C GLU A 249 19.14 -5.56 -1.88
N ASN A 250 18.66 -4.46 -1.29
CA ASN A 250 19.05 -3.05 -1.57
C ASN A 250 18.87 -2.73 -3.08
N ALA A 251 17.67 -3.01 -3.66
CA ALA A 251 17.29 -2.78 -5.07
C ALA A 251 15.78 -2.75 -5.27
N ILE A 252 15.35 -1.73 -6.02
CA ILE A 252 14.03 -1.78 -6.68
C ILE A 252 14.22 -2.30 -8.13
N VAL A 253 13.59 -3.42 -8.48
CA VAL A 253 13.66 -3.92 -9.85
C VAL A 253 12.43 -3.42 -10.67
N CYS A 254 12.70 -2.87 -11.84
CA CYS A 254 11.66 -2.60 -12.81
C CYS A 254 11.59 -3.74 -13.86
N TRP A 255 10.43 -4.39 -13.97
CA TRP A 255 10.30 -5.60 -14.80
C TRP A 255 8.91 -5.73 -15.40
N LYS A 256 8.77 -6.65 -16.36
CA LYS A 256 7.44 -7.04 -16.90
C LYS A 256 7.30 -8.55 -17.12
N PRO A 257 6.08 -9.10 -16.95
CA PRO A 257 5.85 -10.49 -17.38
C PRO A 257 6.12 -10.71 -18.87
N GLY A 258 6.58 -11.89 -19.27
CA GLY A 258 6.82 -12.20 -20.67
C GLY A 258 8.12 -11.58 -21.22
N LYS A 259 8.22 -11.60 -22.55
CA LYS A 259 9.38 -11.14 -23.30
C LYS A 259 9.18 -9.67 -23.62
N MET A 260 10.23 -9.00 -24.09
CA MET A 260 10.27 -7.53 -24.16
C MET A 260 9.06 -6.93 -24.89
N GLU A 261 8.57 -7.67 -25.87
CA GLU A 261 7.56 -7.16 -26.74
C GLU A 261 6.13 -7.65 -26.40
N ASP A 262 5.97 -8.46 -25.34
CA ASP A 262 4.66 -9.02 -24.96
C ASP A 262 3.73 -8.02 -24.26
N ASP A 263 2.50 -7.87 -24.79
CA ASP A 263 1.46 -7.06 -24.14
C ASP A 263 0.98 -7.75 -22.85
N ILE A 264 0.87 -6.96 -21.78
CA ILE A 264 0.42 -7.47 -20.46
C ILE A 264 -0.91 -8.25 -20.53
N ASP A 265 -1.83 -7.80 -21.39
CA ASP A 265 -3.14 -8.42 -21.49
C ASP A 265 -3.23 -9.70 -22.35
N LYS A 266 -2.12 -10.05 -22.98
CA LYS A 266 -2.00 -11.31 -23.73
C LYS A 266 -1.16 -12.34 -22.99
N ILE A 267 -0.60 -11.94 -21.84
CA ILE A 267 0.08 -12.86 -20.93
C ILE A 267 -0.89 -13.96 -20.40
N LYS A 268 -0.51 -15.24 -20.54
CA LYS A 268 -1.29 -16.39 -20.02
C LYS A 268 -0.69 -16.95 -18.70
N PRO A 269 -1.46 -17.70 -17.87
CA PRO A 269 -0.95 -18.22 -16.59
C PRO A 269 0.30 -19.10 -16.68
N SER A 270 0.54 -19.70 -17.85
CA SER A 270 1.70 -20.59 -18.03
C SER A 270 3.01 -19.85 -18.37
N GLU A 271 2.94 -18.51 -18.50
CA GLU A 271 4.10 -17.70 -18.90
C GLU A 271 5.29 -18.00 -18.02
N SER A 272 6.38 -18.45 -18.64
CA SER A 272 7.62 -18.77 -17.95
C SER A 272 8.66 -17.65 -17.97
N ASN A 273 8.45 -16.64 -18.81
CA ASN A 273 9.45 -15.56 -18.94
C ASN A 273 9.09 -14.26 -18.25
N VAL A 274 10.13 -13.57 -17.78
CA VAL A 274 10.03 -12.17 -17.34
C VAL A 274 11.09 -11.33 -18.07
N THR A 275 10.95 -10.00 -18.06
CA THR A 275 11.93 -9.11 -18.67
C THR A 275 12.34 -8.01 -17.69
N ILE A 276 13.64 -7.89 -17.44
CA ILE A 276 14.16 -6.82 -16.55
C ILE A 276 14.48 -5.55 -17.33
N LEU A 277 13.86 -4.43 -16.95
CA LEU A 277 14.07 -3.17 -17.66
C LEU A 277 15.03 -2.21 -16.96
N GLY A 278 15.34 -2.51 -15.70
CA GLY A 278 16.17 -1.64 -14.91
C GLY A 278 16.22 -2.11 -13.46
N ARG A 279 17.17 -1.53 -12.73
CA ARG A 279 17.30 -1.81 -11.30
C ARG A 279 17.86 -0.58 -10.65
N PHE A 280 17.19 -0.12 -9.60
CA PHE A 280 17.62 1.07 -8.86
C PHE A 280 18.24 0.62 -7.52
N ASP A 281 19.57 0.70 -7.43
CA ASP A 281 20.28 0.29 -6.21
C ASP A 281 20.40 1.46 -5.19
N TYR A 282 20.58 1.08 -3.94
CA TYR A 282 20.71 2.01 -2.84
C TYR A 282 21.40 1.22 -1.71
N SER A 283 21.49 1.81 -0.52
CA SER A 283 22.27 1.20 0.56
C SER A 283 21.49 1.03 1.79
N GLN A 284 21.89 0.01 2.59
CA GLN A 284 21.53 -0.12 4.03
C GLN A 284 20.00 -0.19 4.23
N CYS A 285 19.39 -1.15 3.52
CA CYS A 285 17.95 -1.35 3.56
C CYS A 285 17.69 -2.84 3.36
N ASP A 286 18.21 -3.63 4.30
CA ASP A 286 18.14 -5.09 4.24
C ASP A 286 17.30 -5.70 5.37
N ILE A 287 16.66 -4.84 6.15
CA ILE A 287 15.56 -5.32 7.01
C ILE A 287 14.25 -5.37 6.18
N TRP A 288 13.27 -6.18 6.55
CA TRP A 288 12.08 -6.30 5.72
C TRP A 288 10.93 -5.41 6.21
N TYR A 289 9.96 -5.23 5.33
CA TYR A 289 8.82 -4.27 5.49
C TYR A 289 9.34 -2.79 5.47
N MET A 290 9.93 -2.43 4.33
CA MET A 290 10.47 -1.09 4.06
C MET A 290 9.81 -0.72 2.73
N ARG A 291 8.87 0.23 2.77
CA ARG A 291 8.00 0.43 1.62
C ARG A 291 8.34 1.69 0.83
N PHE A 292 8.43 1.58 -0.47
CA PHE A 292 8.56 2.75 -1.30
C PHE A 292 7.16 3.34 -1.64
N SER A 293 7.14 4.59 -2.09
CA SER A 293 5.89 5.20 -2.54
C SER A 293 6.12 6.04 -3.81
N THR A 294 5.06 6.37 -4.55
CA THR A 294 5.16 7.33 -5.66
C THR A 294 4.27 8.51 -5.38
N ASP A 295 4.53 9.63 -6.03
CA ASP A 295 3.60 10.79 -6.00
C ASP A 295 2.33 10.45 -6.82
N PHE A 296 1.36 11.37 -6.82
CA PHE A 296 0.05 11.20 -7.47
C PHE A 296 0.22 10.90 -8.96
N TRP A 297 1.11 11.63 -9.63
CA TRP A 297 1.29 11.52 -11.08
C TRP A 297 2.23 10.39 -11.50
N GLN A 298 2.89 9.80 -10.51
CA GLN A 298 3.98 8.80 -10.77
C GLN A 298 5.14 9.34 -11.59
N LYS A 299 5.45 10.60 -11.33
CA LYS A 299 6.69 11.20 -11.79
C LYS A 299 7.88 10.89 -10.86
N MET A 300 7.58 10.59 -9.59
CA MET A 300 8.65 10.36 -8.65
C MET A 300 8.40 9.18 -7.68
N LEU A 301 9.51 8.60 -7.24
CA LEU A 301 9.56 7.36 -6.47
C LEU A 301 10.46 7.64 -5.23
N ALA A 302 9.95 7.37 -4.03
CA ALA A 302 10.66 7.69 -2.77
C ALA A 302 10.77 6.43 -1.89
N LEU A 303 11.97 6.16 -1.36
CA LEU A 303 12.25 5.08 -0.41
C LEU A 303 13.21 5.54 0.69
N GLY A 304 12.85 5.27 1.95
CA GLY A 304 13.79 5.39 3.07
C GLY A 304 14.60 4.13 3.38
N ASN A 305 15.80 4.32 3.92
CA ASN A 305 16.59 3.17 4.37
C ASN A 305 16.66 3.05 5.89
N GLN A 306 17.33 2.01 6.37
CA GLN A 306 17.37 1.70 7.81
C GLN A 306 18.22 2.68 8.69
N VAL A 307 18.91 3.64 8.07
CA VAL A 307 19.68 4.65 8.82
C VAL A 307 19.26 6.09 8.57
N GLY A 308 18.02 6.27 8.12
CA GLY A 308 17.40 7.58 7.97
C GLY A 308 17.73 8.41 6.75
N LYS A 309 18.31 7.77 5.74
CA LYS A 309 18.57 8.37 4.44
C LYS A 309 17.36 8.16 3.46
N LEU A 310 16.98 9.21 2.74
CA LEU A 310 15.89 9.09 1.72
C LEU A 310 16.46 9.12 0.33
N TYR A 311 15.91 8.27 -0.54
CA TYR A 311 16.28 8.20 -1.94
C TYR A 311 15.01 8.58 -2.72
N VAL A 312 15.16 9.56 -3.62
CA VAL A 312 14.05 9.96 -4.52
C VAL A 312 14.43 9.81 -6.01
N TRP A 313 13.68 9.00 -6.77
CA TRP A 313 13.99 8.82 -8.17
C TRP A 313 13.00 9.58 -9.07
N ASP A 314 13.55 10.31 -10.04
CA ASP A 314 12.81 11.05 -11.07
C ASP A 314 12.51 10.08 -12.24
N LEU A 315 11.22 9.74 -12.39
CA LEU A 315 10.79 8.72 -13.36
C LEU A 315 10.42 9.32 -14.72
N GLU A 316 10.54 10.64 -14.81
CA GLU A 316 10.19 11.36 -16.03
C GLU A 316 11.36 11.37 -17.04
N VAL A 317 11.62 10.20 -17.62
CA VAL A 317 12.72 9.92 -18.55
C VAL A 317 12.17 8.88 -19.53
N GLU A 318 12.87 8.59 -20.62
CA GLU A 318 12.29 7.79 -21.72
C GLU A 318 12.19 6.31 -21.45
N ASP A 319 13.07 5.80 -20.57
CA ASP A 319 13.16 4.40 -20.25
C ASP A 319 13.42 4.28 -18.73
N PRO A 320 12.92 3.21 -18.13
CA PRO A 320 12.99 3.01 -16.66
C PRO A 320 14.44 3.13 -16.11
N HIS A 321 15.41 2.53 -16.82
CA HIS A 321 16.84 2.55 -16.40
C HIS A 321 17.51 3.95 -16.36
N LYS A 322 16.87 4.94 -16.96
CA LYS A 322 17.41 6.29 -17.03
C LYS A 322 16.96 7.13 -15.81
N ALA A 323 16.20 6.55 -14.89
CA ALA A 323 15.73 7.29 -13.70
C ALA A 323 16.87 8.06 -12.99
N LYS A 324 16.56 9.28 -12.54
CA LYS A 324 17.54 10.14 -11.85
C LYS A 324 17.32 10.23 -10.34
N CYS A 325 18.35 9.83 -9.60
CA CYS A 325 18.31 9.79 -8.16
C CYS A 325 18.80 11.07 -7.46
N THR A 326 17.99 11.53 -6.50
CA THR A 326 18.45 12.52 -5.54
C THR A 326 18.36 11.92 -4.13
N THR A 327 19.32 12.28 -3.26
CA THR A 327 19.27 11.81 -1.86
C THR A 327 19.08 12.93 -0.82
N LEU A 328 18.35 12.61 0.22
CA LEU A 328 17.96 13.56 1.27
C LEU A 328 18.38 13.01 2.64
N THR A 329 19.26 13.76 3.33
CA THR A 329 19.79 13.38 4.64
C THR A 329 19.69 14.53 5.65
N HIS A 330 19.50 14.19 6.91
CA HIS A 330 19.54 15.12 8.04
C HIS A 330 20.36 14.46 9.13
N HIS A 331 21.25 15.26 9.71
CA HIS A 331 22.18 14.79 10.76
C HIS A 331 21.46 14.22 12.03
N LYS A 332 20.22 14.64 12.27
CA LYS A 332 19.46 14.12 13.39
C LYS A 332 18.49 13.00 13.04
N CYS A 333 18.39 12.71 11.74
CA CYS A 333 17.53 11.63 11.24
C CYS A 333 18.36 10.35 11.00
N GLY A 334 18.37 9.48 12.01
CA GLY A 334 19.18 8.30 11.99
C GLY A 334 18.49 6.96 12.17
N ALA A 335 17.18 6.95 12.42
CA ALA A 335 16.40 5.69 12.58
C ALA A 335 15.81 5.17 11.26
N ALA A 336 15.48 3.88 11.20
CA ALA A 336 14.95 3.31 9.96
C ALA A 336 13.68 4.05 9.54
N ILE A 337 13.62 4.44 8.28
CA ILE A 337 12.39 5.01 7.68
C ILE A 337 11.54 3.86 7.12
N ARG A 338 10.30 3.70 7.60
CA ARG A 338 9.48 2.55 7.19
C ARG A 338 8.63 2.88 5.96
N GLN A 339 8.14 4.09 5.88
CA GLN A 339 7.31 4.48 4.74
C GLN A 339 7.43 5.99 4.50
N THR A 340 7.09 6.44 3.27
CA THR A 340 7.09 7.84 2.90
C THR A 340 5.74 8.12 2.24
N SER A 341 5.30 9.37 2.23
CA SER A 341 4.08 9.76 1.47
C SER A 341 4.24 11.19 0.93
N PHE A 342 3.84 11.41 -0.32
CA PHE A 342 3.79 12.72 -0.95
C PHE A 342 2.39 13.31 -0.80
N SER A 343 2.33 14.61 -0.52
CA SER A 343 1.07 15.35 -0.59
C SER A 343 0.50 15.26 -2.04
N ARG A 344 -0.81 15.47 -2.23
CA ARG A 344 -1.45 15.41 -3.56
C ARG A 344 -0.84 16.40 -4.60
N ASP A 345 -0.34 17.56 -4.13
CA ASP A 345 0.22 18.57 -5.02
C ASP A 345 1.72 18.39 -5.25
N SER A 346 2.25 17.30 -4.67
CA SER A 346 3.66 16.92 -4.71
C SER A 346 4.68 17.90 -4.00
N SER A 347 4.18 18.78 -3.16
CA SER A 347 5.00 19.87 -2.57
C SER A 347 5.62 19.50 -1.22
N ILE A 348 5.13 18.41 -0.62
CA ILE A 348 5.59 17.93 0.69
C ILE A 348 5.83 16.44 0.67
N LEU A 349 6.93 16.05 1.28
CA LEU A 349 7.25 14.66 1.51
C LEU A 349 7.42 14.32 3.03
N ILE A 350 6.62 13.39 3.54
CA ILE A 350 6.74 12.89 4.91
C ILE A 350 7.36 11.48 4.98
N ALA A 351 8.36 11.33 5.88
CA ALA A 351 8.97 10.04 6.19
C ALA A 351 8.72 9.74 7.70
N VAL A 352 8.36 8.50 8.02
CA VAL A 352 8.13 8.09 9.40
C VAL A 352 9.06 6.94 9.76
N CYS A 353 9.39 6.80 11.04
CA CYS A 353 10.58 6.07 11.45
C CYS A 353 10.31 5.10 12.58
N ASP A 354 11.24 4.15 12.77
CA ASP A 354 11.23 3.12 13.82
C ASP A 354 11.30 3.66 15.26
N ASP A 355 11.80 4.87 15.42
CA ASP A 355 11.87 5.51 16.72
C ASP A 355 10.66 6.43 16.97
N ALA A 356 9.59 6.28 16.17
CA ALA A 356 8.34 7.10 16.26
C ALA A 356 8.45 8.57 15.79
N SER A 357 9.51 8.87 15.04
CA SER A 357 9.78 10.24 14.60
C SER A 357 9.14 10.42 13.20
N ILE A 358 8.70 11.65 12.95
CA ILE A 358 8.12 12.09 11.66
C ILE A 358 9.00 13.18 11.13
N TRP A 359 9.28 13.11 9.82
CA TRP A 359 10.17 14.08 9.12
C TRP A 359 9.48 14.74 7.94
N ARG A 360 9.49 16.06 7.93
CA ARG A 360 8.81 16.81 6.88
C ARG A 360 9.75 17.53 5.92
N TRP A 361 9.59 17.22 4.63
CA TRP A 361 10.47 17.75 3.59
C TRP A 361 9.67 18.55 2.57
N ASP A 362 10.00 19.83 2.42
CA ASP A 362 9.21 20.68 1.51
C ASP A 362 9.99 20.91 0.24
N ARG A 363 9.29 20.88 -0.87
CA ARG A 363 9.94 20.98 -2.16
C ARG A 363 10.35 22.42 -2.45
N LEU A 364 11.60 22.60 -2.88
CA LEU A 364 12.07 23.86 -3.52
C LEU A 364 12.67 23.64 -4.91
#